data_8DQB
#
_entry.id   8DQB
#
_cell.length_a   164.124
_cell.length_b   164.124
_cell.length_c   164.124
_cell.angle_alpha   90.000
_cell.angle_beta   90.000
_cell.angle_gamma   90.000
#
_symmetry.space_group_name_H-M   'I 2 3'
#
loop_
_entity.id
_entity.type
_entity.pdbx_description
1 polymer '3-dehydroquinate dehydratase I'
2 non-polymer 'ZINC ION'
3 water water
#
_entity_poly.entity_id   1
_entity_poly.type   'polypeptide(L)'
_entity_poly.pdbx_seq_one_letter_code
;MAHHHHHHMQDEMYMARALKLAARGRFTTHPNPNVGCVIVKDGEIVGEGFHYRAGEPHAEVHALRMAGDKAKGATAYVTL
EPCSHHGRTPPCCDALIAAGVARVVAAMQDPNPQVAGRGLYRLQQAGIDVSHGLMMNEAEALNKGFLKRMRTGFPWIQLK
MGASLDGRTAMASGESQWITSPQARRDVQRLRAQSHAILTSSATVLADDPALTVRWQELSADTQALYPQENLRQPLRIVI
DSQNRVTPEHRIIQQQGETLFARTHADERAWPDNVRTLLVPEHNGHLDLVLLMMQLGKQQVNSIWVEAGPTLAGALLQAG
LVDELIVYIAPKLLGSDARGLCALPGLEKLSQAPHFKFNEIRQVGPDVCLHLTTA
;
_entity_poly.pdbx_strand_id   A
#
loop_
_chem_comp.id
_chem_comp.type
_chem_comp.name
_chem_comp.formula
ZN non-polymer 'ZINC ION' 'Zn 2'
#
# COMPACT_ATOMS: atom_id res chain seq x y z
N HIS A 3 2.09 -34.88 -17.23
CA HIS A 3 0.63 -35.00 -17.24
C HIS A 3 0.04 -34.89 -15.84
N HIS A 4 0.82 -35.30 -14.85
CA HIS A 4 0.52 -35.14 -13.42
C HIS A 4 1.73 -35.56 -12.62
N HIS A 5 1.89 -35.00 -11.43
CA HIS A 5 3.07 -35.28 -10.61
C HIS A 5 2.65 -35.51 -9.16
N HIS A 6 3.65 -35.76 -8.31
CA HIS A 6 3.43 -36.03 -6.90
C HIS A 6 4.25 -35.14 -5.97
N HIS A 7 4.69 -33.97 -6.43
CA HIS A 7 5.43 -33.07 -5.55
C HIS A 7 4.63 -31.80 -5.26
N HIS A 8 3.30 -31.91 -5.22
CA HIS A 8 2.48 -30.76 -4.92
C HIS A 8 2.79 -30.18 -3.55
N MET A 9 2.95 -31.05 -2.54
CA MET A 9 3.27 -30.53 -1.21
C MET A 9 4.60 -29.78 -1.21
N GLN A 10 5.62 -30.33 -1.87
CA GLN A 10 6.92 -29.65 -1.93
C GLN A 10 6.81 -28.32 -2.67
N ASP A 11 6.06 -28.30 -3.78
CA ASP A 11 5.82 -27.05 -4.51
C ASP A 11 5.17 -26.02 -3.60
N GLU A 12 4.16 -26.44 -2.82
CA GLU A 12 3.49 -25.51 -1.92
C GLU A 12 4.44 -24.99 -0.85
N MET A 13 5.31 -25.85 -0.33
CA MET A 13 6.27 -25.40 0.68
C MET A 13 7.19 -24.31 0.14
N TYR A 14 7.69 -24.47 -1.09
CA TYR A 14 8.64 -23.49 -1.63
C TYR A 14 7.96 -22.20 -2.04
N MET A 15 6.76 -22.28 -2.64
CA MET A 15 6.03 -21.06 -2.99
C MET A 15 5.62 -20.28 -1.74
N ALA A 16 5.28 -20.98 -0.66
CA ALA A 16 4.99 -20.30 0.60
C ALA A 16 6.22 -19.59 1.14
N ARG A 17 7.41 -20.20 0.98
CA ARG A 17 8.64 -19.53 1.35
C ARG A 17 8.89 -18.31 0.46
N ALA A 18 8.63 -18.44 -0.83
CA ALA A 18 8.80 -17.31 -1.73
C ALA A 18 7.86 -16.17 -1.38
N LEU A 19 6.67 -16.49 -0.87
CA LEU A 19 5.73 -15.43 -0.48
C LEU A 19 6.18 -14.77 0.81
N LYS A 20 6.65 -15.56 1.78
CA LYS A 20 7.27 -15.03 2.99
C LYS A 20 8.40 -14.06 2.66
N LEU A 21 9.25 -14.43 1.70
CA LEU A 21 10.34 -13.54 1.31
C LEU A 21 9.82 -12.27 0.66
N ALA A 22 8.87 -12.40 -0.26
CA ALA A 22 8.29 -11.22 -0.91
C ALA A 22 7.76 -10.22 0.11
N ALA A 23 7.09 -10.71 1.18
CA ALA A 23 6.47 -9.80 2.14
C ALA A 23 7.50 -8.96 2.87
N ARG A 24 8.77 -9.35 2.82
CA ARG A 24 9.80 -8.58 3.50
C ARG A 24 10.11 -7.28 2.77
N GLY A 25 9.58 -7.08 1.56
CA GLY A 25 9.77 -5.82 0.87
C GLY A 25 8.66 -4.80 1.06
N ARG A 26 7.63 -5.10 1.86
CA ARG A 26 6.40 -4.36 1.79
C ARG A 26 6.50 -2.92 2.28
N PHE A 27 7.50 -2.61 3.13
CA PHE A 27 7.70 -1.25 3.58
C PHE A 27 8.47 -0.38 2.60
N THR A 28 9.08 -0.96 1.56
CA THR A 28 10.10 -0.24 0.81
C THR A 28 10.01 -0.39 -0.70
N THR A 29 9.25 -1.35 -1.24
CA THR A 29 9.28 -1.58 -2.68
C THR A 29 8.52 -0.55 -3.49
N HIS A 30 7.68 0.26 -2.86
CA HIS A 30 6.83 1.17 -3.62
C HIS A 30 7.69 2.00 -4.58
N PRO A 31 7.23 2.21 -5.83
CA PRO A 31 5.95 1.81 -6.43
C PRO A 31 5.92 0.41 -7.04
N ASN A 32 7.01 -0.36 -6.94
CA ASN A 32 7.06 -1.72 -7.46
C ASN A 32 6.29 -2.66 -6.55
N PRO A 33 5.84 -3.80 -7.07
CA PRO A 33 5.19 -4.81 -6.22
C PRO A 33 6.21 -5.66 -5.48
N ASN A 34 5.74 -6.27 -4.41
CA ASN A 34 6.54 -7.23 -3.66
C ASN A 34 6.61 -8.56 -4.42
N VAL A 35 7.82 -9.04 -4.67
CA VAL A 35 8.05 -10.30 -5.37
C VAL A 35 9.10 -11.11 -4.61
N GLY A 36 8.89 -12.42 -4.54
CA GLY A 36 9.87 -13.33 -3.99
C GLY A 36 10.23 -14.45 -4.95
N CYS A 37 11.41 -15.05 -4.78
CA CYS A 37 11.88 -16.13 -5.64
C CYS A 37 12.70 -17.14 -4.83
N VAL A 38 12.44 -18.43 -5.06
CA VAL A 38 13.14 -19.53 -4.40
C VAL A 38 13.54 -20.53 -5.47
N ILE A 39 14.80 -20.95 -5.44
CA ILE A 39 15.35 -21.82 -6.48
C ILE A 39 15.82 -23.11 -5.82
N VAL A 40 15.29 -24.24 -6.28
CA VAL A 40 15.43 -25.52 -5.61
C VAL A 40 16.16 -26.46 -6.55
N LYS A 41 17.29 -27.00 -6.09
CA LYS A 41 18.04 -27.98 -6.87
C LYS A 41 18.13 -29.26 -6.06
N ASP A 42 17.64 -30.36 -6.62
CA ASP A 42 17.72 -31.67 -5.98
C ASP A 42 17.18 -31.60 -4.56
N GLY A 43 16.04 -30.95 -4.41
CA GLY A 43 15.36 -30.96 -3.14
C GLY A 43 15.96 -30.12 -2.05
N GLU A 44 16.87 -29.20 -2.37
CA GLU A 44 17.32 -28.22 -1.41
C GLU A 44 17.34 -26.84 -2.05
N ILE A 45 17.17 -25.82 -1.22
CA ILE A 45 17.10 -24.45 -1.70
C ILE A 45 18.53 -23.95 -1.91
N VAL A 46 18.85 -23.57 -3.14
CA VAL A 46 20.18 -23.07 -3.47
C VAL A 46 20.20 -21.57 -3.75
N GLY A 47 19.05 -20.94 -3.98
CA GLY A 47 18.95 -19.50 -4.11
C GLY A 47 17.60 -18.94 -3.67
N GLU A 48 17.60 -17.80 -2.99
CA GLU A 48 16.40 -17.09 -2.59
C GLU A 48 16.61 -15.60 -2.78
N GLY A 49 15.50 -14.89 -2.98
CA GLY A 49 15.57 -13.45 -3.05
C GLY A 49 14.21 -12.82 -3.02
N PHE A 50 14.19 -11.53 -2.72
CA PHE A 50 12.97 -10.75 -2.77
C PHE A 50 13.32 -9.35 -3.27
N HIS A 51 12.31 -8.67 -3.79
CA HIS A 51 12.50 -7.30 -4.24
C HIS A 51 12.42 -6.38 -3.04
N TYR A 52 13.36 -5.43 -2.94
CA TYR A 52 13.41 -4.57 -1.77
C TYR A 52 13.10 -3.10 -2.08
N ARG A 53 13.71 -2.52 -3.14
CA ARG A 53 13.50 -1.14 -3.52
C ARG A 53 13.47 -1.01 -5.03
N ALA A 54 12.61 -0.12 -5.47
CA ALA A 54 12.64 0.18 -6.89
C ALA A 54 14.05 0.61 -7.29
N GLY A 55 14.46 0.20 -8.49
CA GLY A 55 15.80 0.47 -8.97
C GLY A 55 16.83 -0.55 -8.55
N GLU A 56 16.51 -1.40 -7.60
CA GLU A 56 17.33 -2.54 -7.23
C GLU A 56 16.93 -3.75 -8.03
N PRO A 57 17.73 -4.82 -8.00
CA PRO A 57 17.42 -5.99 -8.83
C PRO A 57 16.10 -6.66 -8.45
N HIS A 58 15.52 -7.33 -9.44
CA HIS A 58 14.33 -8.12 -9.23
C HIS A 58 14.65 -9.36 -8.40
N ALA A 59 13.60 -9.96 -7.82
CA ALA A 59 13.75 -11.09 -6.90
C ALA A 59 14.44 -12.26 -7.59
N GLU A 60 14.13 -12.52 -8.86
CA GLU A 60 14.77 -13.62 -9.58
C GLU A 60 16.28 -13.40 -9.69
N VAL A 61 16.70 -12.15 -9.90
CA VAL A 61 18.13 -11.89 -10.06
C VAL A 61 18.87 -12.15 -8.76
N HIS A 62 18.29 -11.75 -7.63
CA HIS A 62 18.92 -12.03 -6.35
C HIS A 62 19.04 -13.53 -6.11
N ALA A 63 18.00 -14.27 -6.46
CA ALA A 63 18.02 -15.71 -6.26
C ALA A 63 19.04 -16.39 -7.17
N LEU A 64 19.15 -15.93 -8.42
CA LEU A 64 20.12 -16.52 -9.34
C LEU A 64 21.54 -16.20 -8.91
N ARG A 65 21.76 -15.03 -8.33
CA ARG A 65 23.09 -14.67 -7.86
C ARG A 65 23.51 -15.59 -6.72
N MET A 66 22.58 -15.89 -5.82
CA MET A 66 22.85 -16.83 -4.74
C MET A 66 23.12 -18.22 -5.31
N ALA A 67 22.27 -18.65 -6.26
CA ALA A 67 22.34 -20.02 -6.76
C ALA A 67 23.64 -20.27 -7.52
N GLY A 68 24.07 -19.30 -8.34
CA GLY A 68 25.22 -19.53 -9.21
C GLY A 68 25.04 -20.78 -10.05
N ASP A 69 26.12 -21.56 -10.15
CA ASP A 69 26.13 -22.78 -10.96
C ASP A 69 25.02 -23.74 -10.54
N LYS A 70 24.57 -23.68 -9.28
CA LYS A 70 23.56 -24.61 -8.79
C LYS A 70 22.18 -24.39 -9.42
N ALA A 71 21.95 -23.29 -10.14
CA ALA A 71 20.67 -23.12 -10.84
C ALA A 71 20.50 -24.05 -12.04
N LYS A 72 21.57 -24.72 -12.49
CA LYS A 72 21.49 -25.62 -13.64
C LYS A 72 20.68 -26.86 -13.26
N GLY A 73 19.54 -27.06 -13.91
CA GLY A 73 18.64 -28.13 -13.54
C GLY A 73 17.69 -27.81 -12.41
N ALA A 74 17.65 -26.56 -11.95
CA ALA A 74 16.84 -26.23 -10.78
C ALA A 74 15.43 -25.82 -11.16
N THR A 75 14.53 -25.92 -10.19
CA THR A 75 13.18 -25.35 -10.26
C THR A 75 13.18 -23.98 -9.59
N ALA A 76 12.65 -22.97 -10.29
CA ALA A 76 12.46 -21.64 -9.72
C ALA A 76 10.99 -21.46 -9.38
N TYR A 77 10.72 -21.02 -8.15
CA TYR A 77 9.41 -20.56 -7.70
C TYR A 77 9.44 -19.04 -7.62
N VAL A 78 8.50 -18.38 -8.28
CA VAL A 78 8.40 -16.93 -8.27
C VAL A 78 6.95 -16.57 -7.96
N THR A 79 6.75 -15.55 -7.13
CA THR A 79 5.40 -15.13 -6.78
C THR A 79 4.72 -14.33 -7.88
N LEU A 80 5.46 -13.92 -8.90
CA LEU A 80 4.92 -13.15 -10.00
C LEU A 80 5.65 -13.53 -11.27
N GLU A 81 4.94 -13.50 -12.39
CA GLU A 81 5.51 -13.94 -13.64
C GLU A 81 6.78 -13.16 -13.97
N PRO A 82 7.88 -13.81 -14.33
CA PRO A 82 9.12 -13.08 -14.66
C PRO A 82 8.98 -12.14 -15.85
N CYS A 83 9.76 -11.04 -15.80
CA CYS A 83 9.88 -10.06 -16.89
C CYS A 83 10.03 -10.70 -18.26
N SER A 84 9.43 -10.07 -19.27
CA SER A 84 9.63 -10.47 -20.66
C SER A 84 10.47 -9.48 -21.45
N HIS A 85 10.34 -8.18 -21.20
CA HIS A 85 11.33 -7.20 -21.68
C HIS A 85 11.27 -6.01 -20.75
N HIS A 86 12.21 -5.95 -19.79
CA HIS A 86 12.31 -4.83 -18.86
C HIS A 86 13.73 -4.29 -18.79
N PRO A 90 18.24 -6.28 -18.90
CA PRO A 90 18.16 -7.71 -19.22
C PRO A 90 17.07 -8.42 -18.41
N PRO A 91 16.08 -8.98 -19.10
CA PRO A 91 14.87 -9.48 -18.42
C PRO A 91 15.11 -10.76 -17.64
N CYS A 92 14.24 -10.96 -16.64
CA CYS A 92 14.35 -12.14 -15.76
C CYS A 92 14.09 -13.45 -16.49
N CYS A 93 13.23 -13.44 -17.50
CA CYS A 93 12.96 -14.64 -18.27
C CYS A 93 14.23 -15.19 -18.88
N ASP A 94 14.99 -14.33 -19.57
CA ASP A 94 16.18 -14.79 -20.21
C ASP A 94 17.30 -15.08 -19.20
N ALA A 95 17.25 -14.43 -18.02
CA ALA A 95 18.20 -14.76 -16.95
C ALA A 95 17.92 -16.14 -16.36
N LEU A 96 16.64 -16.48 -16.18
CA LEU A 96 16.30 -17.81 -15.71
C LEU A 96 16.75 -18.88 -16.71
N ILE A 97 16.43 -18.68 -18.00
CA ILE A 97 16.87 -19.61 -19.03
C ILE A 97 18.40 -19.67 -19.10
N ALA A 98 19.06 -18.50 -19.05
CA ALA A 98 20.51 -18.49 -19.14
C ALA A 98 21.16 -19.27 -18.00
N ALA A 99 20.49 -19.37 -16.86
CA ALA A 99 21.08 -20.06 -15.72
C ALA A 99 20.90 -21.56 -15.78
N GLY A 100 20.08 -22.08 -16.69
CA GLY A 100 19.83 -23.50 -16.76
C GLY A 100 18.66 -24.00 -15.96
N VAL A 101 17.76 -23.12 -15.52
CA VAL A 101 16.56 -23.56 -14.84
C VAL A 101 15.77 -24.46 -15.78
N ALA A 102 15.32 -25.61 -15.26
CA ALA A 102 14.56 -26.57 -16.05
C ALA A 102 13.05 -26.42 -15.85
N ARG A 103 12.62 -25.76 -14.77
CA ARG A 103 11.19 -25.65 -14.48
C ARG A 103 10.93 -24.36 -13.71
N VAL A 104 9.81 -23.71 -14.03
CA VAL A 104 9.42 -22.45 -13.39
C VAL A 104 7.96 -22.55 -12.96
N VAL A 105 7.67 -22.19 -11.72
CA VAL A 105 6.31 -22.13 -11.19
C VAL A 105 6.01 -20.71 -10.74
N ALA A 106 5.01 -20.10 -11.35
CA ALA A 106 4.61 -18.73 -11.04
C ALA A 106 3.28 -18.71 -10.28
N ALA A 107 3.23 -17.96 -9.18
CA ALA A 107 1.97 -17.86 -8.45
C ALA A 107 0.89 -17.20 -9.32
N MET A 108 1.27 -16.20 -10.10
CA MET A 108 0.26 -15.47 -10.86
C MET A 108 0.89 -14.86 -12.09
N GLN A 109 0.05 -14.54 -13.05
CA GLN A 109 0.52 -13.95 -14.29
C GLN A 109 0.63 -12.43 -14.13
N ASP A 110 1.40 -11.82 -15.02
CA ASP A 110 1.55 -10.38 -14.99
C ASP A 110 0.16 -9.73 -15.07
N PRO A 111 -0.16 -8.80 -14.16
CA PRO A 111 -1.51 -8.23 -14.14
C PRO A 111 -1.84 -7.32 -15.31
N ASN A 112 -0.86 -6.93 -16.11
CA ASN A 112 -1.10 -6.13 -17.31
C ASN A 112 -1.52 -7.06 -18.45
N PRO A 113 -2.75 -6.95 -18.93
CA PRO A 113 -3.23 -7.94 -19.93
C PRO A 113 -2.44 -7.92 -21.22
N GLN A 114 -1.81 -6.80 -21.57
CA GLN A 114 -1.04 -6.76 -22.81
C GLN A 114 0.28 -7.53 -22.71
N VAL A 115 0.73 -7.89 -21.51
CA VAL A 115 1.96 -8.65 -21.36
C VAL A 115 1.76 -9.91 -20.54
N ALA A 116 0.56 -10.16 -20.04
CA ALA A 116 0.30 -11.35 -19.23
C ALA A 116 0.60 -12.61 -20.03
N GLY A 117 1.39 -13.49 -19.42
CA GLY A 117 1.72 -14.75 -20.04
C GLY A 117 2.89 -14.71 -21.00
N ARG A 118 3.35 -13.51 -21.38
CA ARG A 118 4.45 -13.38 -22.33
C ARG A 118 5.74 -13.98 -21.77
N GLY A 119 6.01 -13.77 -20.47
CA GLY A 119 7.19 -14.37 -19.88
C GLY A 119 7.12 -15.89 -19.82
N LEU A 120 5.99 -16.43 -19.35
CA LEU A 120 5.87 -17.88 -19.27
C LEU A 120 6.00 -18.52 -20.65
N TYR A 121 5.43 -17.89 -21.68
CA TYR A 121 5.54 -18.45 -23.02
C TYR A 121 6.99 -18.48 -23.47
N ARG A 122 7.73 -17.41 -23.18
CA ARG A 122 9.13 -17.34 -23.59
C ARG A 122 9.94 -18.44 -22.92
N LEU A 123 9.69 -18.72 -21.64
CA LEU A 123 10.37 -19.84 -20.98
C LEU A 123 9.99 -21.16 -21.63
N GLN A 124 8.69 -21.38 -21.85
CA GLN A 124 8.22 -22.58 -22.52
C GLN A 124 8.86 -22.76 -23.88
N GLN A 125 9.01 -21.66 -24.61
CA GLN A 125 9.60 -21.73 -25.94
C GLN A 125 11.01 -22.28 -25.88
N ALA A 126 11.79 -21.82 -24.92
CA ALA A 126 13.17 -22.25 -24.76
C ALA A 126 13.30 -23.55 -23.95
N GLY A 127 12.20 -24.29 -23.79
CA GLY A 127 12.24 -25.64 -23.28
C GLY A 127 11.97 -25.81 -21.79
N ILE A 128 11.53 -24.76 -21.12
CA ILE A 128 11.31 -24.80 -19.69
C ILE A 128 9.90 -25.26 -19.39
N ASP A 129 9.77 -26.17 -18.43
CA ASP A 129 8.44 -26.56 -17.93
C ASP A 129 7.88 -25.42 -17.09
N VAL A 130 6.72 -24.89 -17.47
CA VAL A 130 6.15 -23.73 -16.79
C VAL A 130 4.72 -24.03 -16.40
N SER A 131 4.29 -23.41 -15.30
CA SER A 131 2.91 -23.45 -14.86
C SER A 131 2.71 -22.23 -13.99
N HIS A 132 1.45 -21.85 -13.81
CA HIS A 132 1.12 -20.67 -13.02
C HIS A 132 -0.19 -20.92 -12.30
N GLY A 133 -0.37 -20.27 -11.16
CA GLY A 133 -1.62 -20.35 -10.42
C GLY A 133 -1.47 -20.85 -9.00
N LEU A 134 -0.36 -21.53 -8.69
CA LEU A 134 -0.10 -22.04 -7.35
C LEU A 134 -0.05 -20.88 -6.36
N MET A 135 -1.01 -20.84 -5.43
CA MET A 135 -1.12 -19.77 -4.41
C MET A 135 -1.33 -18.41 -5.06
N MET A 136 -2.08 -18.39 -6.17
CA MET A 136 -2.51 -17.14 -6.77
C MET A 136 -3.20 -16.25 -5.75
N ASN A 137 -4.14 -16.81 -4.97
CA ASN A 137 -4.92 -15.98 -4.07
C ASN A 137 -4.01 -15.23 -3.09
N GLU A 138 -2.98 -15.91 -2.57
CA GLU A 138 -2.05 -15.28 -1.64
C GLU A 138 -1.17 -14.26 -2.36
N ALA A 139 -0.72 -14.57 -3.58
CA ALA A 139 0.06 -13.61 -4.36
C ALA A 139 -0.74 -12.34 -4.62
N GLU A 140 -2.05 -12.50 -4.88
CA GLU A 140 -2.93 -11.33 -5.05
C GLU A 140 -2.99 -10.50 -3.78
N ALA A 141 -3.21 -11.16 -2.64
CA ALA A 141 -3.33 -10.46 -1.37
C ALA A 141 -2.07 -9.68 -1.05
N LEU A 142 -0.91 -10.22 -1.44
CA LEU A 142 0.37 -9.61 -1.10
C LEU A 142 0.55 -8.26 -1.78
N ASN A 143 -0.11 -8.03 -2.92
CA ASN A 143 0.01 -6.79 -3.67
C ASN A 143 -1.37 -6.25 -4.01
N LYS A 144 -2.31 -6.45 -3.08
CA LYS A 144 -3.67 -5.94 -3.15
C LYS A 144 -3.76 -4.54 -3.74
N GLY A 145 -3.10 -3.57 -3.10
CA GLY A 145 -3.24 -2.19 -3.53
C GLY A 145 -2.65 -1.92 -4.89
N PHE A 146 -1.46 -2.45 -5.16
CA PHE A 146 -0.83 -2.30 -6.48
C PHE A 146 -1.71 -2.89 -7.57
N LEU A 147 -2.28 -4.08 -7.33
CA LEU A 147 -3.11 -4.74 -8.32
C LEU A 147 -4.40 -3.98 -8.59
N LYS A 148 -5.02 -3.44 -7.54
CA LYS A 148 -6.24 -2.66 -7.76
C LYS A 148 -5.94 -1.41 -8.58
N ARG A 149 -4.78 -0.79 -8.35
CA ARG A 149 -4.42 0.39 -9.12
C ARG A 149 -4.21 0.06 -10.59
N MET A 150 -3.53 -1.06 -10.85
CA MET A 150 -3.31 -1.50 -12.23
C MET A 150 -4.63 -1.76 -12.94
N ARG A 151 -5.52 -2.49 -12.27
CA ARG A 151 -6.71 -2.95 -12.95
C ARG A 151 -7.80 -1.89 -13.03
N THR A 152 -7.81 -0.88 -12.14
CA THR A 152 -8.85 0.15 -12.16
C THR A 152 -8.37 1.56 -12.43
N GLY A 153 -7.07 1.84 -12.30
CA GLY A 153 -6.56 3.19 -12.38
C GLY A 153 -6.65 3.95 -11.08
N PHE A 154 -7.26 3.37 -10.05
CA PHE A 154 -7.49 4.04 -8.79
C PHE A 154 -6.59 3.46 -7.73
N PRO A 155 -5.88 4.31 -6.97
CA PRO A 155 -5.08 3.79 -5.85
C PRO A 155 -5.98 3.15 -4.80
N TRP A 156 -5.40 2.22 -4.04
CA TRP A 156 -6.10 1.63 -2.89
C TRP A 156 -6.19 2.65 -1.75
N ILE A 157 -7.39 2.91 -1.27
CA ILE A 157 -7.61 3.98 -0.30
C ILE A 157 -8.04 3.38 1.03
N GLN A 158 -7.18 3.49 2.02
CA GLN A 158 -7.49 3.16 3.41
C GLN A 158 -7.87 4.45 4.13
N LEU A 159 -9.08 4.51 4.67
CA LEU A 159 -9.55 5.65 5.42
C LEU A 159 -9.45 5.32 6.91
N LYS A 160 -8.63 6.06 7.63
CA LYS A 160 -8.47 5.84 9.06
C LYS A 160 -9.39 6.76 9.85
N MET A 161 -10.06 6.21 10.87
CA MET A 161 -10.85 6.99 11.80
C MET A 161 -10.47 6.63 13.23
N GLY A 162 -10.49 7.62 14.10
CA GLY A 162 -10.31 7.42 15.52
C GLY A 162 -11.38 8.21 16.24
N ALA A 163 -12.09 7.55 17.15
CA ALA A 163 -13.25 8.17 17.80
C ALA A 163 -13.49 7.48 19.13
N SER A 164 -14.38 8.07 19.91
CA SER A 164 -14.88 7.51 21.15
C SER A 164 -15.89 6.40 20.87
N LEU A 165 -16.39 5.79 21.95
CA LEU A 165 -17.38 4.73 21.81
C LEU A 165 -18.67 5.23 21.16
N ASP A 166 -19.03 6.50 21.38
CA ASP A 166 -20.20 7.09 20.74
C ASP A 166 -19.82 7.91 19.51
N GLY A 167 -18.71 7.57 18.87
CA GLY A 167 -18.38 8.06 17.54
C GLY A 167 -17.83 9.47 17.46
N ARG A 168 -17.29 10.00 18.56
CA ARG A 168 -16.94 11.40 18.65
C ARG A 168 -15.44 11.58 18.55
N THR A 169 -15.01 12.64 17.87
CA THR A 169 -13.61 12.90 17.56
C THR A 169 -13.08 14.14 18.27
N ALA A 170 -13.93 14.86 19.00
CA ALA A 170 -13.51 16.03 19.77
C ALA A 170 -14.69 16.47 20.65
N MET A 171 -14.37 17.08 21.79
CA MET A 171 -15.41 17.75 22.55
C MET A 171 -15.95 18.92 21.74
N ALA A 172 -17.12 19.42 22.13
CA ALA A 172 -17.64 20.60 21.47
C ALA A 172 -16.64 21.75 21.53
N SER A 173 -15.85 21.82 22.60
CA SER A 173 -14.84 22.87 22.77
C SER A 173 -13.71 22.77 21.75
N GLY A 174 -13.61 21.66 21.02
CA GLY A 174 -12.51 21.40 20.14
C GLY A 174 -11.45 20.52 20.75
N GLU A 175 -11.44 20.38 22.07
CA GLU A 175 -10.48 19.54 22.75
C GLU A 175 -10.52 18.13 22.18
N SER A 176 -9.38 17.66 21.69
CA SER A 176 -9.28 16.32 21.12
C SER A 176 -8.10 15.56 21.68
N GLN A 177 -7.43 16.10 22.70
CA GLN A 177 -6.15 15.60 23.18
C GLN A 177 -6.35 14.20 23.76
N TRP A 178 -5.99 13.19 22.96
CA TRP A 178 -5.94 11.78 23.35
C TRP A 178 -7.31 11.20 23.68
N ILE A 179 -8.12 11.05 22.64
CA ILE A 179 -9.20 10.08 22.68
C ILE A 179 -8.61 8.66 22.65
N THR A 180 -7.91 8.32 21.57
CA THR A 180 -7.29 7.01 21.46
C THR A 180 -5.91 7.01 22.10
N SER A 181 -5.38 5.80 22.33
CA SER A 181 -4.24 5.45 23.16
C SER A 181 -2.93 5.58 22.41
N PRO A 182 -1.81 5.62 23.14
CA PRO A 182 -0.50 5.49 22.48
C PRO A 182 -0.35 4.23 21.65
N GLN A 183 -0.91 3.10 22.13
CA GLN A 183 -0.86 1.86 21.38
C GLN A 183 -1.52 2.01 20.01
N ALA A 184 -2.65 2.72 19.96
CA ALA A 184 -3.31 2.96 18.68
C ALA A 184 -2.41 3.76 17.74
N ARG A 185 -1.74 4.78 18.28
CA ARG A 185 -0.84 5.58 17.47
C ARG A 185 0.30 4.73 16.90
N ARG A 186 0.88 3.85 17.73
CA ARG A 186 1.95 2.96 17.28
C ARG A 186 1.44 2.00 16.22
N ASP A 187 0.19 1.52 16.38
CA ASP A 187 -0.40 0.63 15.37
C ASP A 187 -0.57 1.36 14.04
N VAL A 188 -1.00 2.61 14.08
CA VAL A 188 -1.13 3.40 12.85
C VAL A 188 0.21 3.56 12.16
N GLN A 189 1.28 3.69 12.95
CA GLN A 189 2.61 3.85 12.38
C GLN A 189 3.04 2.62 11.58
N ARG A 190 2.70 1.44 12.08
CA ARG A 190 3.03 0.22 11.34
C ARG A 190 2.27 0.16 10.02
N LEU A 191 0.99 0.54 10.03
CA LEU A 191 0.20 0.54 8.80
C LEU A 191 0.63 1.68 7.86
N ARG A 192 0.96 2.84 8.43
CA ARG A 192 1.48 3.94 7.61
C ARG A 192 2.71 3.51 6.84
N ALA A 193 3.60 2.76 7.50
CA ALA A 193 4.91 2.46 6.92
C ALA A 193 4.78 1.60 5.68
N GLN A 194 3.69 0.83 5.57
CA GLN A 194 3.38 -0.02 4.44
C GLN A 194 2.66 0.68 3.30
N SER A 195 2.12 1.88 3.53
CA SER A 195 1.38 2.61 2.51
C SER A 195 2.35 3.29 1.55
N HIS A 196 1.95 3.33 0.28
CA HIS A 196 2.72 4.12 -0.69
C HIS A 196 2.71 5.60 -0.31
N ALA A 197 1.52 6.14 -0.03
CA ALA A 197 1.35 7.55 0.26
C ALA A 197 0.48 7.75 1.48
N ILE A 198 0.64 8.91 2.12
CA ILE A 198 -0.25 9.39 3.17
C ILE A 198 -0.93 10.65 2.66
N LEU A 199 -2.25 10.72 2.81
CA LEU A 199 -3.03 11.81 2.23
C LEU A 199 -3.80 12.53 3.32
N THR A 200 -3.88 13.86 3.20
CA THR A 200 -4.60 14.67 4.14
C THR A 200 -5.16 15.89 3.42
N SER A 201 -5.92 16.71 4.15
CA SER A 201 -6.61 17.87 3.66
C SER A 201 -5.94 19.12 4.22
N SER A 202 -6.13 20.24 3.51
CA SER A 202 -5.62 21.51 4.01
C SER A 202 -6.19 21.83 5.38
N ALA A 203 -7.48 21.54 5.59
CA ALA A 203 -8.10 21.84 6.89
C ALA A 203 -7.41 21.09 8.02
N THR A 204 -7.04 19.83 7.78
CA THR A 204 -6.31 19.08 8.79
C THR A 204 -4.94 19.70 9.06
N VAL A 205 -4.24 20.11 7.99
CA VAL A 205 -2.91 20.69 8.17
C VAL A 205 -3.01 22.01 8.91
N LEU A 206 -4.01 22.83 8.58
CA LEU A 206 -4.20 24.10 9.27
C LEU A 206 -4.59 23.89 10.73
N ALA A 207 -5.48 22.93 11.00
CA ALA A 207 -5.97 22.77 12.37
C ALA A 207 -4.96 22.07 13.27
N ASP A 208 -4.20 21.11 12.72
CA ASP A 208 -3.34 20.24 13.51
C ASP A 208 -1.84 20.52 13.35
N ASP A 209 -1.41 21.09 12.23
CA ASP A 209 0.01 21.24 11.90
C ASP A 209 0.79 19.94 12.05
N PRO A 210 0.31 18.83 11.46
CA PRO A 210 0.98 17.55 11.65
C PRO A 210 2.22 17.42 10.77
N ALA A 211 3.06 16.45 11.13
CA ALA A 211 4.16 16.06 10.26
C ALA A 211 3.75 15.00 9.25
N LEU A 212 2.93 14.02 9.68
CA LEU A 212 2.46 12.93 8.82
C LEU A 212 3.61 12.07 8.30
N THR A 213 4.53 11.72 9.20
CA THR A 213 5.68 10.93 8.86
C THR A 213 5.64 9.59 9.59
N VAL A 214 6.52 8.70 9.18
CA VAL A 214 6.77 7.47 9.93
C VAL A 214 7.91 7.73 10.88
N ARG A 215 7.67 7.50 12.16
CA ARG A 215 8.70 7.57 13.20
C ARG A 215 9.16 6.14 13.48
N TRP A 216 10.39 5.83 13.09
CA TRP A 216 10.89 4.47 13.22
C TRP A 216 10.88 3.99 14.67
N GLN A 217 10.96 4.93 15.63
CA GLN A 217 11.05 4.57 17.04
C GLN A 217 9.72 4.10 17.61
N GLU A 218 8.61 4.29 16.89
CA GLU A 218 7.29 3.87 17.34
C GLU A 218 6.86 2.54 16.74
N LEU A 219 7.78 1.77 16.19
CA LEU A 219 7.41 0.55 15.49
C LEU A 219 7.64 -0.66 16.39
N SER A 220 6.75 -1.64 16.28
CA SER A 220 6.84 -2.86 17.06
C SER A 220 8.12 -3.63 16.72
N ALA A 221 8.63 -4.35 17.73
CA ALA A 221 9.88 -5.10 17.55
C ALA A 221 9.78 -6.10 16.40
N ASP A 222 8.56 -6.58 16.11
CA ASP A 222 8.37 -7.38 14.90
C ASP A 222 8.81 -6.59 13.68
N THR A 223 8.15 -5.45 13.42
CA THR A 223 8.40 -4.72 12.18
C THR A 223 9.79 -4.09 12.18
N GLN A 224 10.33 -3.72 13.36
CA GLN A 224 11.68 -3.20 13.41
C GLN A 224 12.74 -4.22 13.00
N ALA A 225 12.40 -5.52 13.07
CA ALA A 225 13.34 -6.56 12.68
C ALA A 225 13.46 -6.69 11.17
N LEU A 226 12.38 -6.43 10.43
CA LEU A 226 12.39 -6.44 8.97
C LEU A 226 12.69 -5.08 8.36
N TYR A 227 12.81 -4.05 9.17
CA TYR A 227 12.91 -2.67 8.69
C TYR A 227 14.12 -2.00 9.31
N PRO A 228 15.32 -2.21 8.76
CA PRO A 228 16.50 -1.50 9.30
C PRO A 228 16.31 0.00 9.22
N GLN A 229 16.73 0.69 10.29
CA GLN A 229 16.41 2.11 10.45
C GLN A 229 16.94 2.95 9.29
N GLU A 230 18.09 2.57 8.72
CA GLU A 230 18.70 3.38 7.68
C GLU A 230 18.03 3.22 6.32
N ASN A 231 17.08 2.29 6.19
CA ASN A 231 16.30 2.13 4.96
C ASN A 231 14.92 2.77 5.06
N LEU A 232 14.65 3.57 6.09
CA LEU A 232 13.32 4.12 6.32
C LEU A 232 12.84 4.90 5.09
N ARG A 233 11.64 4.58 4.64
CA ARG A 233 11.02 5.26 3.51
C ARG A 233 9.82 6.04 4.03
N GLN A 234 9.86 7.37 3.92
CA GLN A 234 8.69 8.17 4.24
C GLN A 234 7.66 7.99 3.14
N PRO A 235 6.42 7.63 3.45
CA PRO A 235 5.39 7.62 2.43
C PRO A 235 5.22 9.02 1.85
N LEU A 236 4.98 9.08 0.54
CA LEU A 236 4.66 10.34 -0.10
C LEU A 236 3.50 11.00 0.64
N ARG A 237 3.71 12.23 1.08
CA ARG A 237 2.69 13.00 1.77
C ARG A 237 1.92 13.80 0.74
N ILE A 238 0.63 13.51 0.60
CA ILE A 238 -0.23 14.22 -0.35
C ILE A 238 -1.18 15.11 0.45
N VAL A 239 -1.24 16.39 0.08
CA VAL A 239 -2.13 17.34 0.71
C VAL A 239 -3.06 17.92 -0.34
N ILE A 240 -4.37 17.70 -0.17
CA ILE A 240 -5.37 18.36 -1.00
C ILE A 240 -5.54 19.78 -0.47
N ASP A 241 -5.17 20.77 -1.29
CA ASP A 241 -5.29 22.19 -0.95
C ASP A 241 -5.93 22.94 -2.12
N SER A 242 -7.27 22.94 -2.17
CA SER A 242 -8.01 23.56 -3.28
C SER A 242 -7.72 25.05 -3.43
N GLN A 243 -7.49 25.76 -2.32
CA GLN A 243 -7.36 27.19 -2.37
C GLN A 243 -6.00 27.64 -1.83
N ASN A 244 -5.02 26.75 -1.82
CA ASN A 244 -3.63 27.09 -1.53
C ASN A 244 -3.48 27.82 -0.19
N ARG A 245 -4.10 27.26 0.85
CA ARG A 245 -4.09 27.91 2.15
C ARG A 245 -2.97 27.47 3.06
N VAL A 246 -2.41 26.28 2.84
CA VAL A 246 -1.25 25.85 3.61
C VAL A 246 -0.07 26.74 3.26
N THR A 247 0.74 27.08 4.26
CA THR A 247 1.90 27.93 4.06
C THR A 247 3.18 27.09 3.96
N PRO A 248 4.22 27.65 3.34
CA PRO A 248 5.53 26.97 3.33
C PRO A 248 6.17 26.86 4.72
N GLU A 249 5.51 27.34 5.77
CA GLU A 249 6.04 27.27 7.12
C GLU A 249 5.39 26.18 7.98
N HIS A 250 4.49 25.38 7.41
CA HIS A 250 3.87 24.29 8.15
C HIS A 250 4.81 23.09 8.25
N ARG A 251 4.67 22.35 9.36
CA ARG A 251 5.57 21.25 9.67
C ARG A 251 5.64 20.20 8.56
N ILE A 252 4.57 20.04 7.80
CA ILE A 252 4.46 18.89 6.91
C ILE A 252 5.51 18.96 5.80
N ILE A 253 5.84 20.16 5.32
CA ILE A 253 6.70 20.26 4.15
C ILE A 253 8.15 20.43 4.60
N GLN A 254 8.38 20.29 5.89
CA GLN A 254 9.71 20.41 6.47
C GLN A 254 10.21 19.09 7.02
N GLN A 255 9.54 17.99 6.72
CA GLN A 255 10.01 16.66 7.06
C GLN A 255 10.79 16.07 5.90
N GLN A 256 11.47 14.96 6.17
CA GLN A 256 12.20 14.26 5.12
C GLN A 256 11.24 13.62 4.13
N GLY A 257 11.72 13.40 2.92
CA GLY A 257 10.88 12.85 1.87
C GLY A 257 10.05 13.92 1.19
N GLU A 258 9.30 13.49 0.18
CA GLU A 258 8.59 14.40 -0.68
C GLU A 258 7.19 14.72 -0.14
N THR A 259 6.64 15.82 -0.63
CA THR A 259 5.28 16.25 -0.31
C THR A 259 4.64 16.76 -1.59
N LEU A 260 3.45 16.25 -1.92
CA LEU A 260 2.72 16.65 -3.11
C LEU A 260 1.45 17.37 -2.70
N PHE A 261 1.24 18.56 -3.27
CA PHE A 261 0.03 19.34 -3.05
C PHE A 261 -0.88 19.23 -4.26
N ALA A 262 -2.10 18.72 -4.06
CA ALA A 262 -3.13 18.78 -5.08
C ALA A 262 -3.74 20.16 -5.06
N ARG A 263 -3.66 20.87 -6.19
CA ARG A 263 -4.04 22.28 -6.26
C ARG A 263 -5.01 22.51 -7.41
N THR A 264 -5.81 23.57 -7.27
CA THR A 264 -6.62 24.08 -8.36
C THR A 264 -5.77 24.88 -9.34
N HIS A 265 -4.99 25.83 -8.84
CA HIS A 265 -4.01 26.54 -9.65
C HIS A 265 -2.68 26.60 -8.90
N ALA A 266 -1.62 26.92 -9.64
CA ALA A 266 -0.26 26.84 -9.10
C ALA A 266 -0.05 27.87 -8.00
N ASP A 267 0.59 27.45 -6.92
CA ASP A 267 0.94 28.37 -5.84
C ASP A 267 2.10 29.27 -6.27
N GLU A 268 2.08 30.50 -5.78
CA GLU A 268 3.03 31.52 -6.22
C GLU A 268 4.23 31.68 -5.29
N ARG A 269 4.31 30.93 -4.20
CA ARG A 269 5.34 31.14 -3.20
C ARG A 269 6.51 30.19 -3.43
N ALA A 270 7.63 30.46 -2.75
CA ALA A 270 8.79 29.57 -2.80
C ALA A 270 8.62 28.47 -1.76
N TRP A 271 8.75 27.22 -2.19
CA TRP A 271 8.58 26.03 -1.38
C TRP A 271 9.88 25.23 -1.35
N PRO A 272 10.08 24.39 -0.33
CA PRO A 272 11.26 23.53 -0.31
C PRO A 272 11.32 22.61 -1.53
N ASP A 273 12.52 22.09 -1.78
CA ASP A 273 12.80 21.29 -2.97
C ASP A 273 11.92 20.05 -3.04
N ASN A 274 11.63 19.43 -1.89
CA ASN A 274 10.87 18.19 -1.86
C ASN A 274 9.39 18.37 -2.17
N VAL A 275 8.90 19.60 -2.27
CA VAL A 275 7.48 19.85 -2.46
C VAL A 275 7.17 20.02 -3.95
N ARG A 276 6.19 19.27 -4.43
CA ARG A 276 5.73 19.35 -5.81
C ARG A 276 4.24 19.68 -5.84
N THR A 277 3.78 20.15 -6.99
CA THR A 277 2.39 20.50 -7.21
C THR A 277 1.80 19.61 -8.30
N LEU A 278 0.60 19.08 -8.05
CA LEU A 278 -0.16 18.36 -9.06
C LEU A 278 -1.44 19.16 -9.30
N LEU A 279 -1.67 19.57 -10.53
CA LEU A 279 -2.83 20.40 -10.85
C LEU A 279 -4.02 19.51 -11.16
N VAL A 280 -5.09 19.67 -10.39
CA VAL A 280 -6.31 18.87 -10.54
C VAL A 280 -7.44 19.78 -11.02
N PRO A 281 -8.26 19.36 -11.98
CA PRO A 281 -9.36 20.22 -12.44
C PRO A 281 -10.47 20.32 -11.38
N GLU A 282 -11.34 21.30 -11.61
CA GLU A 282 -12.41 21.65 -10.70
C GLU A 282 -13.73 21.00 -11.11
N HIS A 283 -14.50 20.55 -10.11
CA HIS A 283 -15.85 20.03 -10.29
C HIS A 283 -16.78 20.85 -9.41
N ASN A 284 -17.72 21.57 -10.03
CA ASN A 284 -18.45 22.65 -9.36
C ASN A 284 -17.38 23.54 -8.70
N GLY A 285 -17.54 23.93 -7.43
CA GLY A 285 -16.52 24.75 -6.81
C GLY A 285 -15.37 24.01 -6.17
N HIS A 286 -15.45 22.69 -6.09
CA HIS A 286 -14.48 21.88 -5.35
C HIS A 286 -13.47 21.23 -6.29
N LEU A 287 -12.29 20.98 -5.75
CA LEU A 287 -11.31 20.15 -6.45
C LEU A 287 -11.88 18.76 -6.68
N ASP A 288 -11.71 18.26 -7.91
CA ASP A 288 -12.34 17.02 -8.35
C ASP A 288 -11.61 15.81 -7.75
N LEU A 289 -12.25 15.16 -6.77
CA LEU A 289 -11.62 14.04 -6.08
C LEU A 289 -11.41 12.85 -7.00
N VAL A 290 -12.40 12.53 -7.84
CA VAL A 290 -12.27 11.39 -8.74
C VAL A 290 -11.10 11.59 -9.69
N LEU A 291 -10.98 12.80 -10.26
CA LEU A 291 -9.86 13.09 -11.15
C LEU A 291 -8.53 13.08 -10.41
N LEU A 292 -8.50 13.54 -9.16
CA LEU A 292 -7.26 13.53 -8.41
C LEU A 292 -6.74 12.10 -8.26
N MET A 293 -7.65 11.18 -7.92
CA MET A 293 -7.26 9.78 -7.75
C MET A 293 -6.80 9.17 -9.06
N MET A 294 -7.47 9.51 -10.16
CA MET A 294 -7.08 8.96 -11.45
C MET A 294 -5.68 9.42 -11.85
N GLN A 295 -5.37 10.70 -11.59
CA GLN A 295 -4.05 11.20 -11.91
C GLN A 295 -2.98 10.56 -11.03
N LEU A 296 -3.31 10.31 -9.76
CA LEU A 296 -2.37 9.65 -8.86
C LEU A 296 -2.14 8.20 -9.28
N GLY A 297 -3.19 7.54 -9.73
CA GLY A 297 -3.01 6.21 -10.31
C GLY A 297 -2.08 6.24 -11.51
N LYS A 298 -2.21 7.25 -12.37
CA LYS A 298 -1.32 7.36 -13.52
C LYS A 298 0.12 7.64 -13.10
N GLN A 299 0.30 8.38 -12.02
CA GLN A 299 1.60 8.61 -11.38
C GLN A 299 2.09 7.36 -10.56
N GLN A 300 1.39 6.24 -10.69
CA GLN A 300 1.82 4.94 -10.18
C GLN A 300 1.78 4.90 -8.65
N VAL A 301 0.79 5.57 -8.07
CA VAL A 301 0.62 5.60 -6.62
C VAL A 301 -0.32 4.46 -6.26
N ASN A 302 0.19 3.47 -5.53
CA ASN A 302 -0.49 2.19 -5.34
C ASN A 302 -1.49 2.20 -4.19
N SER A 303 -1.18 2.89 -3.10
CA SER A 303 -1.98 2.80 -1.90
C SER A 303 -1.82 4.09 -1.12
N ILE A 304 -2.91 4.50 -0.46
CA ILE A 304 -2.99 5.81 0.16
C ILE A 304 -3.61 5.64 1.55
N TRP A 305 -2.89 6.11 2.57
CA TRP A 305 -3.38 6.11 3.93
C TRP A 305 -3.89 7.50 4.25
N VAL A 306 -5.19 7.62 4.51
CA VAL A 306 -5.87 8.92 4.64
C VAL A 306 -5.95 9.29 6.11
N GLU A 307 -5.32 10.39 6.50
CA GLU A 307 -5.45 10.97 7.84
C GLU A 307 -6.08 12.34 7.67
N ALA A 308 -7.39 12.45 7.82
CA ALA A 308 -8.01 13.76 7.74
C ALA A 308 -9.23 13.80 8.67
N GLY A 309 -9.98 14.89 8.62
CA GLY A 309 -11.10 15.07 9.49
C GLY A 309 -12.38 14.52 8.90
N PRO A 310 -13.50 14.80 9.55
CA PRO A 310 -14.81 14.34 9.05
C PRO A 310 -15.14 14.86 7.66
N THR A 311 -14.68 16.05 7.30
CA THR A 311 -15.10 16.62 6.01
C THR A 311 -14.53 15.84 4.84
N LEU A 312 -13.21 15.59 4.84
CA LEU A 312 -12.62 14.81 3.75
C LEU A 312 -13.03 13.35 3.83
N ALA A 313 -13.19 12.81 5.04
CA ALA A 313 -13.67 11.43 5.19
C ALA A 313 -15.02 11.24 4.52
N GLY A 314 -15.97 12.14 4.80
CA GLY A 314 -17.26 12.04 4.16
C GLY A 314 -17.21 12.29 2.66
N ALA A 315 -16.34 13.20 2.23
CA ALA A 315 -16.24 13.49 0.80
C ALA A 315 -15.71 12.28 0.04
N LEU A 316 -14.68 11.62 0.58
CA LEU A 316 -14.15 10.41 -0.06
C LEU A 316 -15.17 9.29 -0.04
N LEU A 317 -15.86 9.10 1.08
CA LEU A 317 -16.92 8.11 1.15
C LEU A 317 -17.99 8.37 0.10
N GLN A 318 -18.46 9.62 0.02
CA GLN A 318 -19.54 9.95 -0.91
C GLN A 318 -19.10 9.87 -2.36
N ALA A 319 -17.81 10.04 -2.66
CA ALA A 319 -17.30 9.87 -4.02
C ALA A 319 -17.03 8.41 -4.36
N GLY A 320 -17.25 7.49 -3.44
CA GLY A 320 -17.02 6.09 -3.70
C GLY A 320 -15.57 5.74 -3.88
N LEU A 321 -14.66 6.41 -3.18
CA LEU A 321 -13.25 6.18 -3.38
C LEU A 321 -12.59 5.39 -2.24
N VAL A 322 -13.31 5.06 -1.19
CA VAL A 322 -12.71 4.37 -0.05
C VAL A 322 -12.75 2.88 -0.28
N ASP A 323 -11.60 2.21 -0.16
CA ASP A 323 -11.59 0.75 -0.24
C ASP A 323 -11.75 0.09 1.12
N GLU A 324 -11.16 0.66 2.18
CA GLU A 324 -11.37 0.09 3.50
C GLU A 324 -11.33 1.17 4.55
N LEU A 325 -12.05 0.93 5.64
CA LEU A 325 -12.03 1.75 6.83
C LEU A 325 -11.21 1.05 7.90
N ILE A 326 -10.36 1.80 8.59
CA ILE A 326 -9.67 1.31 9.77
C ILE A 326 -10.08 2.22 10.93
N VAL A 327 -10.90 1.70 11.85
CA VAL A 327 -11.56 2.52 12.85
C VAL A 327 -11.03 2.16 14.23
N TYR A 328 -10.39 3.12 14.89
CA TYR A 328 -9.93 2.98 16.27
C TYR A 328 -10.97 3.57 17.21
N ILE A 329 -11.47 2.77 18.14
CA ILE A 329 -12.52 3.18 19.07
C ILE A 329 -11.95 3.16 20.48
N ALA A 330 -12.06 4.26 21.16
CA ALA A 330 -11.60 4.35 22.53
C ALA A 330 -12.75 4.10 23.49
N PRO A 331 -12.49 3.48 24.65
CA PRO A 331 -13.59 3.18 25.60
C PRO A 331 -14.04 4.41 26.39
N LYS A 332 -14.55 5.40 25.68
CA LYS A 332 -14.96 6.68 26.26
C LYS A 332 -16.25 7.12 25.59
N LEU A 333 -17.08 7.84 26.34
CA LEU A 333 -18.26 8.49 25.80
C LEU A 333 -18.06 10.00 25.90
N LEU A 334 -18.12 10.69 24.77
CA LEU A 334 -17.92 12.12 24.75
C LEU A 334 -19.23 12.91 24.75
N GLY A 335 -20.35 12.25 24.46
CA GLY A 335 -21.65 12.87 24.52
C GLY A 335 -22.09 13.41 23.17
N SER A 336 -23.38 13.78 23.12
CA SER A 336 -24.01 14.12 21.85
C SER A 336 -23.71 15.54 21.37
N ASP A 337 -23.15 16.42 22.19
CA ASP A 337 -22.72 17.70 21.65
C ASP A 337 -21.35 17.64 20.99
N ALA A 338 -20.67 16.50 21.03
CA ALA A 338 -19.31 16.41 20.54
C ALA A 338 -19.30 16.18 19.03
N ARG A 339 -18.12 16.35 18.43
CA ARG A 339 -17.99 16.31 16.98
C ARG A 339 -18.00 14.87 16.47
N GLY A 340 -18.64 14.66 15.32
CA GLY A 340 -18.83 13.34 14.77
C GLY A 340 -17.67 12.87 13.91
N LEU A 341 -17.88 11.71 13.27
CA LEU A 341 -16.84 11.01 12.51
C LEU A 341 -16.73 11.46 11.06
N CYS A 342 -17.85 11.71 10.41
CA CYS A 342 -17.81 12.02 8.99
C CYS A 342 -19.03 12.82 8.59
N ALA A 343 -18.81 13.82 7.74
CA ALA A 343 -19.87 14.69 7.28
C ALA A 343 -20.39 14.14 5.95
N LEU A 344 -21.68 13.78 5.94
CA LEU A 344 -22.33 13.16 4.79
C LEU A 344 -23.47 14.06 4.30
N PRO A 345 -23.15 15.22 3.72
CA PRO A 345 -24.20 16.14 3.26
C PRO A 345 -25.17 15.44 2.32
N GLY A 346 -26.45 15.74 2.48
CA GLY A 346 -27.47 15.20 1.61
C GLY A 346 -28.06 13.88 2.05
N LEU A 347 -27.39 13.16 2.95
CA LEU A 347 -27.87 11.86 3.40
C LEU A 347 -29.03 12.04 4.37
N GLU A 348 -30.21 11.51 4.00
CA GLU A 348 -31.40 11.69 4.82
C GLU A 348 -32.13 10.37 5.10
N LYS A 349 -32.03 9.42 4.17
CA LYS A 349 -32.74 8.16 4.26
C LYS A 349 -31.77 7.06 4.66
N LEU A 350 -32.23 6.17 5.55
CA LEU A 350 -31.39 5.10 6.10
C LEU A 350 -30.79 4.23 5.01
N SER A 351 -31.58 3.89 3.99
CA SER A 351 -31.12 2.99 2.95
C SER A 351 -30.07 3.60 2.04
N GLN A 352 -29.88 4.91 2.10
CA GLN A 352 -28.83 5.54 1.31
C GLN A 352 -27.51 5.62 2.06
N ALA A 353 -27.46 5.15 3.31
CA ALA A 353 -26.27 5.29 4.14
C ALA A 353 -25.15 4.36 3.65
N PRO A 354 -23.90 4.79 3.72
CA PRO A 354 -22.78 3.90 3.35
C PRO A 354 -22.77 2.62 4.19
N HIS A 355 -22.68 1.49 3.51
CA HIS A 355 -22.78 0.19 4.16
C HIS A 355 -21.47 -0.57 4.02
N PHE A 356 -21.17 -1.41 5.02
CA PHE A 356 -19.87 -2.06 5.11
C PHE A 356 -20.01 -3.48 5.65
N LYS A 357 -18.87 -4.17 5.69
CA LYS A 357 -18.77 -5.49 6.29
C LYS A 357 -17.62 -5.49 7.29
N PHE A 358 -17.89 -5.98 8.50
CA PHE A 358 -16.84 -6.14 9.49
C PHE A 358 -15.98 -7.34 9.11
N ASN A 359 -14.72 -7.09 8.77
CA ASN A 359 -13.81 -8.19 8.50
C ASN A 359 -13.07 -8.64 9.76
N GLU A 360 -12.32 -7.74 10.38
CA GLU A 360 -11.48 -8.08 11.52
C GLU A 360 -11.68 -7.07 12.63
N ILE A 361 -11.77 -7.57 13.86
CA ILE A 361 -11.83 -6.72 15.05
C ILE A 361 -10.78 -7.21 16.04
N ARG A 362 -10.11 -6.28 16.70
CA ARG A 362 -8.99 -6.66 17.54
C ARG A 362 -8.76 -5.59 18.59
N GLN A 363 -8.24 -6.04 19.74
CA GLN A 363 -7.86 -5.13 20.81
C GLN A 363 -6.53 -4.50 20.44
N VAL A 364 -6.41 -3.20 20.73
CA VAL A 364 -5.18 -2.44 20.52
C VAL A 364 -4.97 -1.59 21.76
N GLY A 365 -4.17 -2.07 22.70
CA GLY A 365 -4.12 -1.45 24.01
C GLY A 365 -5.52 -1.43 24.59
N PRO A 366 -5.90 -0.30 25.22
CA PRO A 366 -7.27 -0.17 25.73
C PRO A 366 -8.32 0.13 24.66
N ASP A 367 -7.91 0.28 23.40
CA ASP A 367 -8.83 0.56 22.31
C ASP A 367 -9.16 -0.72 21.56
N VAL A 368 -10.11 -0.60 20.63
CA VAL A 368 -10.40 -1.65 19.67
C VAL A 368 -10.21 -1.07 18.28
N CYS A 369 -9.86 -1.94 17.33
CA CYS A 369 -9.64 -1.55 15.95
C CYS A 369 -10.54 -2.39 15.06
N LEU A 370 -11.28 -1.72 14.17
CA LEU A 370 -12.26 -2.37 13.32
C LEU A 370 -11.89 -2.18 11.85
N HIS A 371 -11.75 -3.30 11.12
CA HIS A 371 -11.46 -3.27 9.70
C HIS A 371 -12.73 -3.58 8.91
N LEU A 372 -13.13 -2.65 8.03
CA LEU A 372 -14.33 -2.81 7.21
C LEU A 372 -14.02 -2.54 5.73
N THR A 373 -14.77 -3.23 4.86
CA THR A 373 -14.83 -2.96 3.43
C THR A 373 -16.28 -2.68 3.04
N THR A 374 -16.46 -2.27 1.78
CA THR A 374 -17.60 -1.47 1.34
C THR A 374 -18.86 -2.28 1.02
N ALA A 375 -18.88 -3.58 1.26
CA ALA A 375 -20.10 -4.40 1.18
C ALA A 375 -21.42 -3.67 1.43
ZN ZN B . 12.23 -9.44 -13.60
ZN ZN C . 0.28 -40.81 -9.79
#